data_4OOI
#
_entry.id   4OOI
#
_cell.length_a   104.372
_cell.length_b   41.721
_cell.length_c   86.981
_cell.angle_alpha   90.00
_cell.angle_beta   92.77
_cell.angle_gamma   90.00
#
_symmetry.space_group_name_H-M   'C 1 2 1'
#
loop_
_entity.id
_entity.type
_entity.pdbx_description
1 polymer 'Transcriptional activator HlyU'
2 water water
#
_entity_poly.entity_id   1
_entity_poly.type   'polypeptide(L)'
_entity_poly.pdbx_seq_one_letter_code
;GSHMMPYLKGAPMNLQEMEKNSAKAVVLLKAMANERRLQILCMLLDNELSVGELSSRLELSQSALSQHLAWLRRDGLVNT
RKEAQTVFYTLSSTEVKAMIELLHRLYCQANQ
;
_entity_poly.pdbx_strand_id   A,B,C,D
#
# COMPACT_ATOMS: atom_id res chain seq x y z
N LEU A 15 4.23 -6.78 22.83
CA LEU A 15 2.92 -6.87 22.19
C LEU A 15 2.47 -8.33 22.09
N GLN A 16 1.71 -8.79 23.08
CA GLN A 16 1.20 -10.16 23.05
C GLN A 16 -0.33 -10.21 22.95
N GLU A 17 -0.93 -9.10 22.57
CA GLU A 17 -2.33 -9.11 22.13
C GLU A 17 -2.31 -9.70 20.73
N MET A 18 -1.14 -9.56 20.09
CA MET A 18 -0.87 -10.17 18.81
C MET A 18 -0.94 -11.69 18.95
N GLU A 19 -0.77 -12.19 20.18
CA GLU A 19 -0.85 -13.63 20.43
C GLU A 19 -2.28 -14.17 20.35
N LYS A 20 -3.23 -13.46 20.96
CA LYS A 20 -4.63 -13.87 20.90
C LYS A 20 -5.22 -13.61 19.52
N ASN A 21 -4.87 -12.44 18.97
CA ASN A 21 -5.28 -12.10 17.62
C ASN A 21 -4.80 -13.15 16.62
N SER A 22 -3.51 -13.48 16.70
CA SER A 22 -2.95 -14.53 15.84
C SER A 22 -3.49 -15.90 16.22
N ALA A 23 -4.01 -16.06 17.44
CA ALA A 23 -4.59 -17.33 17.83
C ALA A 23 -5.86 -17.58 17.03
N LYS A 24 -6.81 -16.65 17.10
CA LYS A 24 -8.05 -16.79 16.33
C LYS A 24 -7.78 -16.78 14.83
N ALA A 25 -6.93 -15.86 14.39
CA ALA A 25 -6.57 -15.75 12.99
C ALA A 25 -5.96 -17.05 12.46
N VAL A 26 -5.14 -17.70 13.26
CA VAL A 26 -4.52 -18.97 12.87
C VAL A 26 -5.53 -20.11 12.93
N VAL A 27 -6.53 -20.00 13.80
CA VAL A 27 -7.64 -20.95 13.74
C VAL A 27 -8.26 -20.88 12.34
N LEU A 28 -8.60 -19.66 11.91
CA LEU A 28 -9.16 -19.45 10.59
C LEU A 28 -8.26 -19.96 9.46
N LEU A 29 -6.99 -19.57 9.51
CA LEU A 29 -6.02 -19.91 8.46
C LEU A 29 -5.78 -21.41 8.35
N LYS A 30 -5.61 -22.05 9.51
CA LYS A 30 -5.46 -23.50 9.56
C LYS A 30 -6.69 -24.16 8.98
N ALA A 31 -7.85 -23.60 9.27
CA ALA A 31 -9.09 -24.10 8.67
C ALA A 31 -9.09 -23.90 7.16
N MET A 32 -8.36 -22.89 6.68
CA MET A 32 -8.30 -22.60 5.25
C MET A 32 -7.05 -23.15 4.57
N ALA A 33 -6.06 -23.57 5.36
CA ALA A 33 -4.79 -24.04 4.80
C ALA A 33 -4.87 -25.45 4.23
N ASN A 34 -5.86 -25.68 3.39
CA ASN A 34 -6.05 -26.98 2.74
C ASN A 34 -6.71 -26.80 1.38
N GLU A 35 -6.20 -27.48 0.37
CA GLU A 35 -6.68 -27.32 -1.00
C GLU A 35 -8.17 -27.60 -1.14
N ARG A 36 -8.60 -28.77 -0.69
CA ARG A 36 -10.00 -29.16 -0.79
C ARG A 36 -10.92 -28.22 -0.01
N ARG A 37 -10.54 -27.93 1.23
CA ARG A 37 -11.32 -27.03 2.07
C ARG A 37 -11.38 -25.62 1.48
N LEU A 38 -10.26 -25.15 0.94
CA LEU A 38 -10.21 -23.84 0.31
C LEU A 38 -11.12 -23.81 -0.92
N GLN A 39 -11.16 -24.91 -1.65
CA GLN A 39 -12.03 -25.02 -2.83
C GLN A 39 -13.50 -24.96 -2.41
N ILE A 40 -13.83 -25.69 -1.36
CA ILE A 40 -15.18 -25.68 -0.80
C ILE A 40 -15.58 -24.26 -0.43
N LEU A 41 -14.72 -23.60 0.34
CA LEU A 41 -14.99 -22.23 0.78
C LEU A 41 -15.13 -21.27 -0.39
N CYS A 42 -14.30 -21.45 -1.42
CA CYS A 42 -14.33 -20.61 -2.61
C CYS A 42 -15.63 -20.77 -3.37
N MET A 43 -16.15 -21.99 -3.42
CA MET A 43 -17.39 -22.25 -4.14
C MET A 43 -18.63 -21.81 -3.36
N LEU A 44 -18.47 -21.59 -2.07
CA LEU A 44 -19.59 -21.20 -1.21
C LEU A 44 -19.71 -19.69 -1.07
N LEU A 45 -18.78 -18.96 -1.68
CA LEU A 45 -18.80 -17.50 -1.63
C LEU A 45 -19.93 -16.95 -2.49
N ASP A 46 -20.74 -16.08 -1.90
CA ASP A 46 -21.91 -15.50 -2.56
C ASP A 46 -22.85 -16.56 -3.12
N ASN A 47 -22.79 -17.76 -2.54
CA ASN A 47 -23.52 -18.90 -3.07
C ASN A 47 -23.97 -19.85 -1.97
N GLU A 48 -24.88 -20.74 -2.30
CA GLU A 48 -25.32 -21.78 -1.38
C GLU A 48 -25.36 -23.11 -2.11
N LEU A 49 -24.51 -24.04 -1.68
CA LEU A 49 -24.38 -25.32 -2.37
C LEU A 49 -24.67 -26.49 -1.44
N SER A 50 -24.99 -27.63 -2.03
CA SER A 50 -25.25 -28.84 -1.28
C SER A 50 -24.04 -29.76 -1.30
N VAL A 51 -24.09 -30.84 -0.51
CA VAL A 51 -22.99 -31.79 -0.45
C VAL A 51 -22.76 -32.46 -1.80
N GLY A 52 -23.85 -32.82 -2.46
CA GLY A 52 -23.77 -33.43 -3.78
C GLY A 52 -23.17 -32.50 -4.82
N GLU A 53 -23.55 -31.23 -4.75
CA GLU A 53 -23.05 -30.22 -5.68
C GLU A 53 -21.56 -29.97 -5.47
N LEU A 54 -21.15 -29.91 -4.21
CA LEU A 54 -19.74 -29.74 -3.87
C LEU A 54 -18.93 -30.94 -4.33
N SER A 55 -19.46 -32.13 -4.06
CA SER A 55 -18.79 -33.37 -4.43
C SER A 55 -18.68 -33.53 -5.94
N SER A 56 -19.65 -32.95 -6.66
CA SER A 56 -19.67 -33.03 -8.11
C SER A 56 -18.72 -32.01 -8.75
N ARG A 57 -18.74 -30.79 -8.24
CA ARG A 57 -17.91 -29.72 -8.78
C ARG A 57 -16.45 -29.85 -8.38
N LEU A 58 -16.18 -30.58 -7.29
CA LEU A 58 -14.81 -30.76 -6.82
C LEU A 58 -14.30 -32.16 -7.12
N GLU A 59 -15.18 -33.02 -7.61
CA GLU A 59 -14.87 -34.41 -7.91
C GLU A 59 -14.28 -35.14 -6.70
N LEU A 60 -15.07 -35.22 -5.64
CA LEU A 60 -14.69 -35.93 -4.42
C LEU A 60 -15.80 -36.85 -3.97
N SER A 61 -15.44 -37.89 -3.21
CA SER A 61 -16.44 -38.75 -2.59
C SER A 61 -17.11 -37.98 -1.47
N GLN A 62 -18.35 -38.33 -1.14
CA GLN A 62 -19.08 -37.62 -0.10
C GLN A 62 -18.45 -37.79 1.27
N SER A 63 -17.62 -38.82 1.43
CA SER A 63 -16.95 -39.07 2.70
C SER A 63 -15.73 -38.16 2.86
N ALA A 64 -14.84 -38.21 1.86
CA ALA A 64 -13.66 -37.35 1.83
C ALA A 64 -14.07 -35.89 1.90
N LEU A 65 -15.24 -35.59 1.34
CA LEU A 65 -15.82 -34.26 1.42
C LEU A 65 -16.38 -34.01 2.82
N SER A 66 -16.95 -35.06 3.42
CA SER A 66 -17.58 -34.95 4.73
C SER A 66 -16.58 -34.63 5.82
N GLN A 67 -15.37 -35.15 5.71
CA GLN A 67 -14.33 -34.83 6.70
C GLN A 67 -13.95 -33.35 6.66
N HIS A 68 -13.75 -32.84 5.45
CA HIS A 68 -13.40 -31.43 5.26
C HIS A 68 -14.53 -30.52 5.70
N LEU A 69 -15.76 -30.89 5.36
CA LEU A 69 -16.93 -30.13 5.77
C LEU A 69 -17.09 -30.18 7.29
N ALA A 70 -16.66 -31.28 7.89
CA ALA A 70 -16.70 -31.43 9.34
C ALA A 70 -15.69 -30.47 9.97
N TRP A 71 -14.51 -30.37 9.35
CA TRP A 71 -13.51 -29.41 9.81
C TRP A 71 -14.08 -28.00 9.73
N LEU A 72 -14.68 -27.67 8.59
CA LEU A 72 -15.22 -26.33 8.37
C LEU A 72 -16.35 -25.98 9.33
N ARG A 73 -17.18 -26.97 9.66
CA ARG A 73 -18.28 -26.78 10.59
C ARG A 73 -17.78 -26.63 12.02
N ARG A 74 -16.79 -27.44 12.38
CA ARG A 74 -16.24 -27.44 13.73
C ARG A 74 -15.60 -26.10 14.08
N ASP A 75 -14.88 -25.53 13.13
CA ASP A 75 -14.20 -24.25 13.36
C ASP A 75 -15.12 -23.06 13.04
N GLY A 76 -16.37 -23.37 12.69
CA GLY A 76 -17.38 -22.35 12.46
C GLY A 76 -17.15 -21.50 11.23
N LEU A 77 -16.66 -22.11 10.16
CA LEU A 77 -16.44 -21.39 8.91
C LEU A 77 -17.66 -21.52 7.98
N VAL A 78 -18.47 -22.55 8.21
CA VAL A 78 -19.64 -22.76 7.37
C VAL A 78 -20.92 -23.00 8.18
N ASN A 79 -22.05 -22.58 7.61
CA ASN A 79 -23.36 -22.87 8.18
C ASN A 79 -24.09 -23.92 7.36
N THR A 80 -24.83 -24.78 8.05
CA THR A 80 -25.56 -25.86 7.39
C THR A 80 -27.06 -25.68 7.53
N ARG A 81 -27.79 -25.96 6.45
CA ARG A 81 -29.24 -25.88 6.44
C ARG A 81 -29.82 -27.10 5.74
N LYS A 82 -30.74 -27.79 6.40
CA LYS A 82 -31.31 -29.00 5.84
C LYS A 82 -32.61 -28.75 5.08
N GLU A 83 -32.70 -29.32 3.88
CA GLU A 83 -33.93 -29.29 3.11
C GLU A 83 -34.13 -30.64 2.43
N ALA A 84 -35.23 -31.31 2.78
CA ALA A 84 -35.52 -32.66 2.31
C ALA A 84 -34.37 -33.63 2.60
N GLN A 85 -33.74 -34.11 1.54
CA GLN A 85 -32.60 -35.01 1.67
C GLN A 85 -31.32 -34.29 1.26
N THR A 86 -31.39 -32.97 1.23
CA THR A 86 -30.27 -32.14 0.79
C THR A 86 -29.70 -31.29 1.93
N VAL A 87 -28.38 -31.32 2.08
CA VAL A 87 -27.72 -30.51 3.09
C VAL A 87 -26.97 -29.34 2.45
N PHE A 88 -27.54 -28.15 2.57
CA PHE A 88 -26.94 -26.95 2.01
C PHE A 88 -25.89 -26.34 2.93
N TYR A 89 -24.82 -25.82 2.33
CA TYR A 89 -23.75 -25.15 3.07
C TYR A 89 -23.61 -23.71 2.61
N THR A 90 -23.19 -22.84 3.53
CA THR A 90 -22.91 -21.45 3.19
C THR A 90 -21.71 -20.98 4.01
N LEU A 91 -21.08 -19.88 3.59
CA LEU A 91 -20.02 -19.30 4.40
C LEU A 91 -20.63 -18.65 5.63
N SER A 92 -19.99 -18.85 6.78
CA SER A 92 -20.55 -18.41 8.06
C SER A 92 -20.02 -17.04 8.52
N SER A 93 -18.79 -17.00 8.98
CA SER A 93 -18.22 -15.78 9.55
C SER A 93 -17.89 -14.73 8.48
N THR A 94 -17.86 -13.46 8.89
CA THR A 94 -17.52 -12.38 7.99
C THR A 94 -16.05 -12.45 7.60
N GLU A 95 -15.23 -12.91 8.54
CA GLU A 95 -13.79 -13.06 8.30
C GLU A 95 -13.49 -13.99 7.14
N VAL A 96 -14.12 -15.16 7.13
CA VAL A 96 -13.90 -16.13 6.06
C VAL A 96 -14.46 -15.63 4.74
N LYS A 97 -15.54 -14.85 4.80
CA LYS A 97 -16.12 -14.26 3.60
C LYS A 97 -15.14 -13.28 2.97
N ALA A 98 -14.61 -12.39 3.80
CA ALA A 98 -13.64 -11.39 3.34
C ALA A 98 -12.38 -12.06 2.79
N MET A 99 -11.86 -13.04 3.54
CA MET A 99 -10.67 -13.76 3.13
C MET A 99 -10.87 -14.46 1.79
N ILE A 100 -11.99 -15.16 1.64
CA ILE A 100 -12.31 -15.87 0.41
C ILE A 100 -12.49 -14.88 -0.75
N GLU A 101 -13.09 -13.73 -0.48
CA GLU A 101 -13.22 -12.68 -1.48
C GLU A 101 -11.86 -12.21 -1.98
N LEU A 102 -10.96 -11.92 -1.03
CA LEU A 102 -9.62 -11.46 -1.37
C LEU A 102 -8.85 -12.51 -2.16
N LEU A 103 -8.88 -13.75 -1.69
CA LEU A 103 -8.22 -14.86 -2.38
C LEU A 103 -8.78 -15.05 -3.78
N HIS A 104 -10.08 -14.78 -3.93
CA HIS A 104 -10.74 -14.91 -5.21
C HIS A 104 -10.26 -13.82 -6.17
N ARG A 105 -10.18 -12.59 -5.66
CA ARG A 105 -9.73 -11.46 -6.48
C ARG A 105 -8.27 -11.64 -6.89
N LEU A 106 -7.45 -12.16 -5.98
CA LEU A 106 -6.03 -12.31 -6.23
C LEU A 106 -5.69 -13.52 -7.10
N TYR A 107 -6.46 -14.58 -6.99
CA TYR A 107 -6.09 -15.86 -7.60
C TYR A 107 -7.07 -16.46 -8.61
N CYS A 108 -8.21 -15.82 -8.84
CA CYS A 108 -9.23 -16.42 -9.69
C CYS A 108 -9.68 -15.56 -10.87
N GLN A 109 -9.16 -14.34 -10.97
CA GLN A 109 -9.51 -13.47 -12.09
C GLN A 109 -8.27 -12.97 -12.82
N ASN B 14 -12.39 -24.85 -16.10
CA ASN B 14 -12.51 -23.97 -14.94
C ASN B 14 -11.92 -24.56 -13.66
N LEU B 15 -12.39 -25.73 -13.28
CA LEU B 15 -11.97 -26.38 -12.03
C LEU B 15 -10.47 -26.66 -11.97
N GLN B 16 -9.92 -27.12 -13.09
CA GLN B 16 -8.50 -27.45 -13.16
C GLN B 16 -7.64 -26.21 -12.92
N GLU B 17 -8.04 -25.09 -13.49
CA GLU B 17 -7.36 -23.83 -13.23
C GLU B 17 -7.56 -23.38 -11.77
N MET B 18 -8.77 -23.64 -11.25
CA MET B 18 -9.07 -23.37 -9.84
C MET B 18 -8.08 -24.11 -8.93
N GLU B 19 -7.77 -25.35 -9.28
CA GLU B 19 -6.76 -26.12 -8.56
C GLU B 19 -5.37 -25.51 -8.76
N LYS B 20 -5.10 -25.13 -10.02
CA LYS B 20 -3.84 -24.50 -10.40
C LYS B 20 -3.49 -23.29 -9.54
N ASN B 21 -4.51 -22.51 -9.15
CA ASN B 21 -4.28 -21.35 -8.30
C ASN B 21 -4.46 -21.61 -6.81
N SER B 22 -5.39 -22.49 -6.46
CA SER B 22 -5.63 -22.84 -5.07
C SER B 22 -4.42 -23.54 -4.48
N ALA B 23 -3.60 -24.15 -5.34
CA ALA B 23 -2.34 -24.73 -4.90
C ALA B 23 -1.44 -23.65 -4.30
N LYS B 24 -1.23 -22.57 -5.06
CA LYS B 24 -0.42 -21.44 -4.63
C LYS B 24 -1.03 -20.81 -3.38
N ALA B 25 -2.33 -20.55 -3.45
CA ALA B 25 -3.06 -19.93 -2.34
C ALA B 25 -2.91 -20.74 -1.06
N VAL B 26 -2.91 -22.07 -1.20
CA VAL B 26 -2.75 -22.97 -0.07
C VAL B 26 -1.30 -22.98 0.43
N VAL B 27 -0.34 -22.79 -0.47
CA VAL B 27 1.05 -22.62 -0.04
C VAL B 27 1.14 -21.39 0.87
N LEU B 28 0.56 -20.28 0.42
CA LEU B 28 0.53 -19.07 1.24
C LEU B 28 -0.16 -19.29 2.58
N LEU B 29 -1.34 -19.91 2.54
CA LEU B 29 -2.13 -20.14 3.75
C LEU B 29 -1.41 -21.03 4.75
N LYS B 30 -0.79 -22.09 4.25
CA LYS B 30 0.01 -23.00 5.08
C LYS B 30 1.14 -22.22 5.73
N ALA B 31 1.78 -21.35 4.95
CA ALA B 31 2.86 -20.52 5.47
C ALA B 31 2.34 -19.55 6.55
N MET B 32 1.09 -19.13 6.41
CA MET B 32 0.50 -18.20 7.38
C MET B 32 -0.18 -18.91 8.54
N ALA B 33 -0.48 -20.20 8.36
CA ALA B 33 -1.18 -20.97 9.38
C ALA B 33 -0.29 -21.33 10.57
N ASN B 34 0.35 -20.31 11.14
CA ASN B 34 1.19 -20.49 12.32
C ASN B 34 1.26 -19.18 13.08
N GLU B 35 1.06 -19.24 14.40
CA GLU B 35 1.02 -18.05 15.23
C GLU B 35 2.26 -17.18 15.10
N ARG B 36 3.43 -17.78 15.30
CA ARG B 36 4.68 -17.06 15.22
C ARG B 36 4.93 -16.47 13.83
N ARG B 37 4.72 -17.29 12.80
CA ARG B 37 4.91 -16.84 11.42
C ARG B 37 3.96 -15.70 11.09
N LEU B 38 2.73 -15.79 11.58
CA LEU B 38 1.74 -14.75 11.37
C LEU B 38 2.14 -13.46 12.07
N GLN B 39 2.74 -13.59 13.26
CA GLN B 39 3.23 -12.43 13.99
C GLN B 39 4.35 -11.76 13.21
N ILE B 40 5.27 -12.57 12.70
CA ILE B 40 6.37 -12.08 11.87
C ILE B 40 5.85 -11.32 10.66
N LEU B 41 4.94 -11.94 9.93
CA LEU B 41 4.37 -11.34 8.72
C LEU B 41 3.59 -10.06 9.04
N CYS B 42 2.92 -10.03 10.18
CA CYS B 42 2.17 -8.85 10.60
C CYS B 42 3.10 -7.69 10.95
N MET B 43 4.23 -8.01 11.58
CA MET B 43 5.19 -6.98 11.95
C MET B 43 5.96 -6.46 10.74
N LEU B 44 6.05 -7.28 9.70
CA LEU B 44 6.78 -6.90 8.49
C LEU B 44 5.91 -6.10 7.52
N LEU B 45 4.66 -5.86 7.91
CA LEU B 45 3.73 -5.11 7.08
C LEU B 45 4.07 -3.62 7.10
N ASP B 46 4.30 -3.06 5.91
CA ASP B 46 4.72 -1.67 5.76
C ASP B 46 5.97 -1.39 6.58
N ASN B 47 6.84 -2.39 6.68
CA ASN B 47 7.98 -2.34 7.58
C ASN B 47 9.15 -3.17 7.09
N GLU B 48 10.35 -2.81 7.55
CA GLU B 48 11.55 -3.60 7.26
C GLU B 48 12.29 -3.87 8.56
N LEU B 49 12.18 -5.11 9.05
CA LEU B 49 12.77 -5.47 10.33
C LEU B 49 13.95 -6.42 10.17
N SER B 50 14.82 -6.43 11.16
CA SER B 50 15.98 -7.33 11.16
C SER B 50 15.70 -8.52 12.06
N VAL B 51 16.58 -9.51 12.02
CA VAL B 51 16.45 -10.70 12.86
C VAL B 51 16.43 -10.31 14.33
N GLY B 52 17.26 -9.34 14.69
CA GLY B 52 17.35 -8.86 16.06
C GLY B 52 16.05 -8.25 16.57
N GLU B 53 15.44 -7.40 15.74
CA GLU B 53 14.18 -6.75 16.10
C GLU B 53 13.06 -7.77 16.24
N LEU B 54 12.97 -8.68 15.28
CA LEU B 54 11.95 -9.72 15.29
C LEU B 54 12.10 -10.60 16.53
N SER B 55 13.33 -10.98 16.84
CA SER B 55 13.61 -11.83 18.00
C SER B 55 13.40 -11.09 19.30
N SER B 56 13.53 -9.76 19.27
CA SER B 56 13.35 -8.95 20.47
C SER B 56 11.87 -8.77 20.79
N ARG B 57 11.09 -8.44 19.77
CA ARG B 57 9.65 -8.21 19.96
C ARG B 57 8.89 -9.52 20.13
N LEU B 58 9.31 -10.54 19.40
CA LEU B 58 8.76 -11.89 19.57
C LEU B 58 9.69 -12.68 20.46
N GLU B 59 9.32 -12.85 21.73
CA GLU B 59 10.21 -13.50 22.69
C GLU B 59 10.46 -14.98 22.38
N LEU B 60 11.26 -15.22 21.34
CA LEU B 60 11.73 -16.55 21.02
C LEU B 60 13.19 -16.47 20.59
N SER B 61 13.87 -17.61 20.59
CA SER B 61 15.27 -17.67 20.19
C SER B 61 15.44 -17.26 18.74
N GLN B 62 16.65 -16.81 18.38
CA GLN B 62 16.93 -16.43 17.00
C GLN B 62 17.00 -17.64 16.08
N SER B 63 17.08 -18.82 16.67
CA SER B 63 17.14 -20.06 15.90
C SER B 63 15.76 -20.53 15.47
N ALA B 64 14.80 -20.52 16.40
CA ALA B 64 13.42 -20.84 16.08
C ALA B 64 12.90 -19.82 15.09
N LEU B 65 13.22 -18.56 15.37
CA LEU B 65 12.92 -17.46 14.47
C LEU B 65 13.55 -17.73 13.11
N SER B 66 14.77 -18.27 13.12
CA SER B 66 15.46 -18.60 11.87
C SER B 66 14.72 -19.67 11.09
N GLN B 67 14.09 -20.60 11.81
CA GLN B 67 13.31 -21.65 11.16
C GLN B 67 12.04 -21.09 10.53
N HIS B 68 11.32 -20.27 11.29
CA HIS B 68 10.12 -19.62 10.77
C HIS B 68 10.44 -18.76 9.55
N LEU B 69 11.52 -17.99 9.65
CA LEU B 69 11.97 -17.14 8.56
C LEU B 69 12.44 -17.97 7.37
N ALA B 70 12.94 -19.17 7.64
CA ALA B 70 13.35 -20.08 6.58
C ALA B 70 12.12 -20.55 5.82
N TRP B 71 11.05 -20.85 6.56
CA TRP B 71 9.80 -21.22 5.94
C TRP B 71 9.29 -20.06 5.08
N LEU B 72 9.28 -18.86 5.65
CA LEU B 72 8.76 -17.69 4.95
C LEU B 72 9.60 -17.32 3.73
N ARG B 73 10.89 -17.65 3.77
CA ARG B 73 11.78 -17.39 2.65
C ARG B 73 11.57 -18.41 1.54
N ARG B 74 11.50 -19.68 1.92
CA ARG B 74 11.32 -20.77 0.97
C ARG B 74 10.05 -20.59 0.14
N ASP B 75 8.94 -20.31 0.81
CA ASP B 75 7.66 -20.17 0.13
C ASP B 75 7.44 -18.76 -0.44
N GLY B 76 8.47 -17.93 -0.36
CA GLY B 76 8.46 -16.62 -0.98
C GLY B 76 7.45 -15.63 -0.42
N LEU B 77 7.27 -15.65 0.89
CA LEU B 77 6.40 -14.68 1.54
C LEU B 77 7.20 -13.51 2.08
N VAL B 78 8.53 -13.64 1.98
CA VAL B 78 9.43 -12.64 2.55
C VAL B 78 10.68 -12.41 1.69
N ASN B 79 10.96 -11.14 1.42
CA ASN B 79 12.21 -10.75 0.77
C ASN B 79 13.28 -10.44 1.82
N THR B 80 14.53 -10.76 1.51
CA THR B 80 15.62 -10.54 2.46
C THR B 80 16.79 -9.81 1.83
N ARG B 81 17.32 -8.81 2.55
CA ARG B 81 18.54 -8.14 2.10
C ARG B 81 19.52 -8.04 3.26
N LYS B 82 20.77 -8.38 3.01
CA LYS B 82 21.78 -8.32 4.07
C LYS B 82 22.75 -7.16 3.90
N GLU B 83 22.84 -6.35 4.94
CA GLU B 83 23.71 -5.17 4.94
C GLU B 83 24.45 -5.07 6.27
N ALA B 84 25.78 -5.10 6.19
CA ALA B 84 26.65 -5.08 7.36
C ALA B 84 26.37 -6.22 8.35
N GLN B 85 26.37 -7.45 7.84
CA GLN B 85 26.17 -8.65 8.64
C GLN B 85 24.83 -8.74 9.39
N THR B 86 23.92 -7.82 9.07
CA THR B 86 22.57 -7.87 9.64
C THR B 86 21.57 -8.15 8.53
N VAL B 87 20.67 -9.09 8.78
CA VAL B 87 19.70 -9.50 7.77
C VAL B 87 18.36 -8.82 7.97
N PHE B 88 17.96 -8.04 6.96
CA PHE B 88 16.69 -7.33 7.00
C PHE B 88 15.62 -8.07 6.19
N TYR B 89 14.43 -8.17 6.78
CA TYR B 89 13.33 -8.90 6.18
C TYR B 89 12.17 -7.97 5.84
N THR B 90 11.48 -8.26 4.74
CA THR B 90 10.30 -7.52 4.33
C THR B 90 9.28 -8.49 3.75
N LEU B 91 8.06 -8.02 3.54
CA LEU B 91 7.06 -8.82 2.85
C LEU B 91 7.35 -8.79 1.35
N SER B 92 7.17 -9.94 0.70
CA SER B 92 7.56 -10.08 -0.70
C SER B 92 6.50 -9.60 -1.68
N SER B 93 5.59 -10.51 -2.06
CA SER B 93 4.62 -10.24 -3.10
C SER B 93 3.44 -9.41 -2.63
N THR B 94 2.65 -8.94 -3.58
CA THR B 94 1.47 -8.12 -3.28
C THR B 94 0.35 -8.95 -2.66
N GLU B 95 0.29 -10.23 -3.02
CA GLU B 95 -0.72 -11.13 -2.47
C GLU B 95 -0.58 -11.26 -0.97
N VAL B 96 0.66 -11.53 -0.53
CA VAL B 96 0.95 -11.68 0.88
C VAL B 96 0.63 -10.40 1.65
N LYS B 97 1.01 -9.27 1.08
CA LYS B 97 0.75 -7.96 1.69
C LYS B 97 -0.74 -7.71 1.85
N ALA B 98 -1.51 -8.06 0.82
CA ALA B 98 -2.95 -7.86 0.84
C ALA B 98 -3.61 -8.76 1.90
N MET B 99 -3.19 -10.02 1.91
CA MET B 99 -3.73 -10.99 2.88
C MET B 99 -3.42 -10.59 4.31
N ILE B 100 -2.18 -10.14 4.55
CA ILE B 100 -1.76 -9.69 5.86
C ILE B 100 -2.52 -8.44 6.29
N GLU B 101 -2.70 -7.51 5.35
CA GLU B 101 -3.46 -6.30 5.63
C GLU B 101 -4.90 -6.64 6.01
N LEU B 102 -5.50 -7.57 5.29
CA LEU B 102 -6.86 -8.00 5.58
C LEU B 102 -6.93 -8.65 6.96
N LEU B 103 -5.98 -9.54 7.26
CA LEU B 103 -5.94 -10.21 8.56
C LEU B 103 -5.79 -9.20 9.69
N HIS B 104 -5.01 -8.15 9.44
CA HIS B 104 -4.80 -7.11 10.43
C HIS B 104 -6.09 -6.31 10.64
N ARG B 105 -6.78 -6.02 9.55
CA ARG B 105 -8.04 -5.27 9.62
C ARG B 105 -9.13 -6.09 10.32
N LEU B 106 -9.05 -7.41 10.18
CA LEU B 106 -10.07 -8.29 10.74
C LEU B 106 -9.83 -8.62 12.21
N TYR B 107 -8.58 -8.89 12.57
CA TYR B 107 -8.29 -9.42 13.91
C TYR B 107 -7.58 -8.46 14.86
N CYS B 108 -7.34 -7.23 14.42
CA CYS B 108 -6.62 -6.27 15.27
C CYS B 108 -7.41 -4.97 15.47
N GLN B 109 -8.52 -4.83 14.75
CA GLN B 109 -9.34 -3.63 14.84
C GLN B 109 -10.82 -3.98 14.94
N LEU C 15 6.86 12.04 -27.00
CA LEU C 15 7.40 12.04 -25.64
C LEU C 15 6.48 11.35 -24.64
N GLN C 16 5.26 11.05 -25.07
CA GLN C 16 4.21 10.39 -24.25
C GLN C 16 3.44 11.30 -23.28
N GLU C 17 2.23 10.86 -22.96
CA GLU C 17 1.31 11.59 -22.08
C GLU C 17 1.88 11.90 -20.69
N MET C 18 2.66 10.97 -20.14
CA MET C 18 3.20 11.16 -18.80
C MET C 18 4.31 12.21 -18.75
N GLU C 19 5.12 12.26 -19.80
CA GLU C 19 6.15 13.28 -19.91
C GLU C 19 5.53 14.62 -20.29
N LYS C 20 4.36 14.56 -20.91
CA LYS C 20 3.57 15.76 -21.17
C LYS C 20 3.05 16.36 -19.87
N ASN C 21 2.48 15.51 -19.02
CA ASN C 21 1.86 16.00 -17.78
C ASN C 21 2.85 16.30 -16.65
N SER C 22 3.93 15.54 -16.60
CA SER C 22 4.94 15.70 -15.54
C SER C 22 5.63 17.05 -15.64
N ALA C 23 5.60 17.64 -16.82
CA ALA C 23 6.15 18.97 -17.02
C ALA C 23 5.34 19.99 -16.21
N LYS C 24 4.03 20.02 -16.46
CA LYS C 24 3.13 20.93 -15.76
C LYS C 24 3.13 20.62 -14.26
N ALA C 25 3.10 19.33 -13.92
CA ALA C 25 3.11 18.90 -12.54
C ALA C 25 4.35 19.39 -11.82
N VAL C 26 5.51 19.26 -12.44
CA VAL C 26 6.77 19.75 -11.89
C VAL C 26 6.73 21.27 -11.75
N VAL C 27 6.23 21.96 -12.77
CA VAL C 27 6.07 23.40 -12.69
C VAL C 27 5.33 23.78 -11.41
N LEU C 28 4.20 23.10 -11.18
CA LEU C 28 3.42 23.30 -9.97
C LEU C 28 4.23 23.02 -8.70
N LEU C 29 4.87 21.86 -8.66
CA LEU C 29 5.63 21.43 -7.49
C LEU C 29 6.71 22.43 -7.09
N LYS C 30 7.50 22.88 -8.06
CA LYS C 30 8.56 23.83 -7.79
C LYS C 30 7.99 25.23 -7.52
N ALA C 31 6.81 25.50 -8.04
CA ALA C 31 6.13 26.75 -7.76
C ALA C 31 5.69 26.79 -6.30
N MET C 32 5.33 25.63 -5.76
CA MET C 32 4.88 25.53 -4.38
C MET C 32 6.02 25.18 -3.42
N ALA C 33 7.19 24.88 -3.99
CA ALA C 33 8.34 24.48 -3.19
C ALA C 33 9.01 25.68 -2.51
N ASN C 34 8.26 26.34 -1.64
CA ASN C 34 8.78 27.48 -0.88
C ASN C 34 8.05 27.57 0.45
N GLU C 35 8.81 27.61 1.54
CA GLU C 35 8.26 27.49 2.89
C GLU C 35 7.17 28.50 3.22
N ARG C 36 7.51 29.79 3.15
CA ARG C 36 6.56 30.85 3.48
C ARG C 36 5.32 30.82 2.58
N ARG C 37 5.54 30.63 1.29
CA ARG C 37 4.44 30.62 0.32
C ARG C 37 3.55 29.39 0.48
N LEU C 38 4.16 28.25 0.79
CA LEU C 38 3.40 27.04 1.05
C LEU C 38 2.59 27.22 2.32
N GLN C 39 3.14 28.00 3.26
CA GLN C 39 2.45 28.32 4.50
C GLN C 39 1.21 29.16 4.22
N ILE C 40 1.39 30.20 3.41
CA ILE C 40 0.28 31.06 2.99
C ILE C 40 -0.81 30.23 2.30
N LEU C 41 -0.40 29.44 1.31
CA LEU C 41 -1.30 28.59 0.56
C LEU C 41 -2.07 27.64 1.48
N CYS C 42 -1.37 27.06 2.46
CA CYS C 42 -2.00 26.18 3.42
C CYS C 42 -3.02 26.93 4.27
N MET C 43 -2.77 28.23 4.48
CA MET C 43 -3.72 29.07 5.20
C MET C 43 -4.88 29.51 4.31
N LEU C 44 -4.72 29.37 3.00
CA LEU C 44 -5.71 29.87 2.05
C LEU C 44 -6.65 28.80 1.50
N LEU C 45 -6.65 27.61 2.09
CA LEU C 45 -7.39 26.47 1.53
C LEU C 45 -8.88 26.73 1.28
N ASP C 46 -9.70 26.60 2.31
CA ASP C 46 -11.13 26.89 2.15
C ASP C 46 -11.41 28.34 2.52
N ASN C 47 -10.59 28.90 3.40
CA ASN C 47 -10.75 30.27 3.84
C ASN C 47 -10.28 31.24 2.79
N GLU C 48 -10.66 32.50 2.94
CA GLU C 48 -10.15 33.55 2.09
C GLU C 48 -9.67 34.72 2.94
N LEU C 49 -8.36 34.90 2.96
CA LEU C 49 -7.75 35.91 3.83
C LEU C 49 -7.31 37.15 3.06
N SER C 50 -7.06 38.22 3.80
CA SER C 50 -6.58 39.47 3.22
C SER C 50 -5.10 39.66 3.55
N VAL C 51 -4.49 40.66 2.92
CA VAL C 51 -3.08 40.96 3.16
C VAL C 51 -2.82 41.26 4.64
N GLY C 52 -3.77 41.94 5.28
CA GLY C 52 -3.67 42.24 6.69
C GLY C 52 -3.73 41.00 7.57
N GLU C 53 -4.68 40.11 7.28
CA GLU C 53 -4.82 38.86 8.03
C GLU C 53 -3.61 37.96 7.83
N LEU C 54 -3.11 37.93 6.60
CA LEU C 54 -1.92 37.15 6.26
C LEU C 54 -0.72 37.69 7.03
N SER C 55 -0.56 39.01 7.05
CA SER C 55 0.54 39.63 7.78
C SER C 55 0.41 39.39 9.28
N SER C 56 -0.83 39.26 9.74
CA SER C 56 -1.11 39.05 11.16
C SER C 56 -0.77 37.62 11.59
N ARG C 57 -1.09 36.65 10.74
CA ARG C 57 -0.88 35.25 11.07
C ARG C 57 0.56 34.78 10.81
N LEU C 58 1.16 35.31 9.75
CA LEU C 58 2.51 34.90 9.35
C LEU C 58 3.58 35.74 10.03
N GLU C 59 3.29 37.04 10.16
CA GLU C 59 4.17 37.98 10.84
C GLU C 59 5.52 38.11 10.17
N LEU C 60 5.53 38.88 9.09
CA LEU C 60 6.73 39.20 8.36
C LEU C 60 6.55 40.58 7.78
N SER C 61 7.63 41.18 7.27
CA SER C 61 7.59 42.54 6.76
C SER C 61 6.62 42.64 5.59
N GLN C 62 6.10 43.84 5.35
CA GLN C 62 5.19 44.09 4.25
C GLN C 62 5.89 43.81 2.92
N SER C 63 7.21 43.99 2.90
CA SER C 63 8.00 43.72 1.71
C SER C 63 8.04 42.24 1.38
N ALA C 64 8.38 41.42 2.38
CA ALA C 64 8.46 39.97 2.20
C ALA C 64 7.10 39.39 1.84
N LEU C 65 6.06 39.91 2.48
CA LEU C 65 4.69 39.48 2.20
C LEU C 65 4.31 39.83 0.78
N SER C 66 4.57 41.07 0.38
CA SER C 66 4.25 41.54 -0.96
C SER C 66 5.00 40.72 -2.02
N GLN C 67 6.22 40.33 -1.70
CA GLN C 67 7.02 39.52 -2.62
C GLN C 67 6.46 38.11 -2.76
N HIS C 68 6.21 37.47 -1.62
CA HIS C 68 5.65 36.11 -1.61
C HIS C 68 4.30 36.05 -2.32
N LEU C 69 3.45 37.04 -2.04
CA LEU C 69 2.16 37.14 -2.71
C LEU C 69 2.37 37.40 -4.21
N ALA C 70 3.40 38.18 -4.53
CA ALA C 70 3.73 38.46 -5.93
C ALA C 70 4.10 37.17 -6.66
N TRP C 71 4.78 36.27 -5.96
CA TRP C 71 5.11 34.97 -6.54
C TRP C 71 3.86 34.11 -6.68
N LEU C 72 3.03 34.10 -5.64
CA LEU C 72 1.81 33.30 -5.63
C LEU C 72 0.88 33.68 -6.77
N ARG C 73 0.85 34.96 -7.11
CA ARG C 73 0.08 35.43 -8.26
C ARG C 73 0.83 35.11 -9.55
N ARG C 74 2.14 35.34 -9.52
CA ARG C 74 3.01 35.13 -10.67
C ARG C 74 2.92 33.69 -11.17
N ASP C 75 3.07 32.74 -10.24
CA ASP C 75 2.99 31.33 -10.59
C ASP C 75 1.54 30.86 -10.77
N GLY C 76 0.60 31.79 -10.64
CA GLY C 76 -0.81 31.48 -10.80
C GLY C 76 -1.32 30.50 -9.76
N LEU C 77 -0.70 30.52 -8.59
CA LEU C 77 -1.07 29.62 -7.51
C LEU C 77 -2.27 30.15 -6.73
N VAL C 78 -2.51 31.46 -6.85
CA VAL C 78 -3.62 32.09 -6.15
C VAL C 78 -4.49 32.93 -7.08
N ASN C 79 -5.79 32.95 -6.79
CA ASN C 79 -6.70 33.91 -7.37
C ASN C 79 -6.85 35.09 -6.44
N THR C 80 -6.75 36.29 -7.00
CA THR C 80 -6.78 37.50 -6.18
C THR C 80 -8.00 38.36 -6.49
N ARG C 81 -8.52 39.01 -5.46
CA ARG C 81 -9.71 39.83 -5.60
C ARG C 81 -9.49 41.23 -5.04
N LYS C 82 -9.99 42.22 -5.78
CA LYS C 82 -9.83 43.62 -5.41
C LYS C 82 -11.17 44.23 -5.03
N GLU C 83 -11.27 44.74 -3.81
CA GLU C 83 -12.51 45.39 -3.37
C GLU C 83 -12.21 46.77 -2.80
N ALA C 84 -11.40 46.81 -1.75
CA ALA C 84 -10.97 48.08 -1.18
C ALA C 84 -9.63 48.48 -1.80
N GLN C 85 -8.76 49.02 -0.96
CA GLN C 85 -7.37 49.24 -1.32
C GLN C 85 -6.58 48.00 -0.92
N THR C 86 -7.18 47.16 -0.10
CA THR C 86 -6.56 45.90 0.30
C THR C 86 -6.99 44.79 -0.66
N VAL C 87 -6.22 43.71 -0.69
CA VAL C 87 -6.48 42.63 -1.62
C VAL C 87 -6.80 41.32 -0.92
N PHE C 88 -7.87 40.64 -1.35
CA PHE C 88 -8.24 39.35 -0.78
C PHE C 88 -7.65 38.21 -1.59
N TYR C 89 -7.13 37.20 -0.91
CA TYR C 89 -6.46 36.09 -1.59
C TYR C 89 -7.18 34.76 -1.38
N THR C 90 -7.34 34.01 -2.46
CA THR C 90 -7.87 32.67 -2.40
C THR C 90 -7.04 31.75 -3.29
N LEU C 91 -7.30 30.44 -3.23
CA LEU C 91 -6.58 29.51 -4.08
C LEU C 91 -7.13 29.55 -5.51
N SER C 92 -6.23 29.40 -6.49
CA SER C 92 -6.60 29.52 -7.89
C SER C 92 -7.15 28.21 -8.46
N SER C 93 -6.27 27.43 -9.08
CA SER C 93 -6.68 26.22 -9.78
C SER C 93 -7.05 25.08 -8.83
N THR C 94 -7.68 24.04 -9.38
CA THR C 94 -8.09 22.89 -8.58
C THR C 94 -6.90 22.02 -8.21
N GLU C 95 -5.85 22.08 -9.03
CA GLU C 95 -4.61 21.36 -8.73
C GLU C 95 -3.99 21.90 -7.45
N VAL C 96 -3.93 23.22 -7.34
CA VAL C 96 -3.40 23.89 -6.15
C VAL C 96 -4.24 23.54 -4.92
N LYS C 97 -5.56 23.53 -5.10
CA LYS C 97 -6.48 23.18 -4.02
C LYS C 97 -6.22 21.76 -3.51
N ALA C 98 -6.24 20.79 -4.42
CA ALA C 98 -6.02 19.40 -4.07
C ALA C 98 -4.65 19.18 -3.42
N MET C 99 -3.64 19.84 -3.97
CA MET C 99 -2.27 19.70 -3.48
C MET C 99 -2.16 20.23 -2.05
N ILE C 100 -2.63 21.46 -1.84
CA ILE C 100 -2.61 22.07 -0.52
C ILE C 100 -3.40 21.26 0.49
N GLU C 101 -4.55 20.74 0.06
CA GLU C 101 -5.37 19.88 0.91
C GLU C 101 -4.60 18.63 1.34
N LEU C 102 -4.00 17.96 0.38
CA LEU C 102 -3.23 16.75 0.66
C LEU C 102 -2.07 17.05 1.60
N LEU C 103 -1.41 18.19 1.40
CA LEU C 103 -0.30 18.59 2.26
C LEU C 103 -0.79 18.96 3.66
N HIS C 104 -2.04 19.39 3.75
CA HIS C 104 -2.64 19.70 5.03
C HIS C 104 -2.93 18.42 5.79
N ARG C 105 -3.34 17.39 5.06
CA ARG C 105 -3.63 16.09 5.66
C ARG C 105 -2.36 15.36 6.08
N LEU C 106 -1.38 15.32 5.19
CA LEU C 106 -0.14 14.57 5.41
C LEU C 106 0.70 15.16 6.52
N TYR C 107 0.69 16.49 6.64
CA TYR C 107 1.53 17.18 7.60
C TYR C 107 0.69 17.94 8.64
N CYS C 108 0.19 17.21 9.63
CA CYS C 108 -0.64 17.78 10.69
C CYS C 108 -1.85 18.52 10.15
N MET D 18 3.72 24.00 12.84
CA MET D 18 3.24 24.64 11.62
C MET D 18 4.41 25.20 10.79
N GLU D 19 5.60 25.14 11.36
CA GLU D 19 6.81 25.49 10.61
C GLU D 19 7.43 24.19 10.11
N LYS D 20 7.44 23.21 10.99
CA LYS D 20 7.92 21.86 10.68
C LYS D 20 7.22 21.27 9.46
N ASN D 21 5.89 21.37 9.43
CA ASN D 21 5.11 20.78 8.36
C ASN D 21 5.41 21.39 6.99
N SER D 22 5.43 22.73 6.94
CA SER D 22 5.72 23.44 5.71
C SER D 22 7.14 23.15 5.25
N ALA D 23 8.08 23.12 6.19
CA ALA D 23 9.47 22.84 5.86
C ALA D 23 9.65 21.45 5.25
N LYS D 24 9.13 20.44 5.95
CA LYS D 24 9.23 19.06 5.47
C LYS D 24 8.53 18.87 4.13
N ALA D 25 7.34 19.49 4.00
CA ALA D 25 6.60 19.42 2.75
C ALA D 25 7.39 20.03 1.61
N VAL D 26 8.07 21.15 1.88
CA VAL D 26 8.93 21.79 0.89
C VAL D 26 10.08 20.87 0.51
N VAL D 27 10.66 20.21 1.49
CA VAL D 27 11.71 19.23 1.22
C VAL D 27 11.22 18.15 0.24
N LEU D 28 10.05 17.60 0.54
CA LEU D 28 9.45 16.58 -0.33
C LEU D 28 9.19 17.09 -1.73
N LEU D 29 8.57 18.27 -1.83
CA LEU D 29 8.25 18.87 -3.12
C LEU D 29 9.52 19.09 -3.95
N LYS D 30 10.56 19.63 -3.31
CA LYS D 30 11.85 19.82 -3.96
C LYS D 30 12.39 18.49 -4.46
N ALA D 31 12.27 17.46 -3.63
CA ALA D 31 12.73 16.14 -4.00
C ALA D 31 11.99 15.62 -5.24
N MET D 32 10.72 16.00 -5.36
CA MET D 32 9.90 15.55 -6.48
C MET D 32 9.91 16.52 -7.66
N ALA D 33 10.37 17.75 -7.43
CA ALA D 33 10.35 18.78 -8.45
C ALA D 33 11.35 18.53 -9.59
N ASN D 34 11.18 17.41 -10.27
CA ASN D 34 12.00 17.07 -11.44
C ASN D 34 11.23 16.14 -12.36
N GLU D 35 11.19 16.49 -13.64
CA GLU D 35 10.33 15.78 -14.60
C GLU D 35 10.59 14.28 -14.70
N ARG D 36 11.82 13.89 -15.02
CA ARG D 36 12.18 12.48 -15.13
C ARG D 36 11.91 11.73 -13.82
N ARG D 37 12.38 12.29 -12.72
CA ARG D 37 12.17 11.69 -11.40
C ARG D 37 10.69 11.52 -11.10
N LEU D 38 9.90 12.54 -11.44
CA LEU D 38 8.47 12.50 -11.23
C LEU D 38 7.80 11.43 -12.08
N GLN D 39 8.32 11.23 -13.28
CA GLN D 39 7.80 10.19 -14.18
C GLN D 39 8.07 8.81 -13.59
N ILE D 40 9.31 8.60 -13.15
CA ILE D 40 9.69 7.35 -12.51
C ILE D 40 8.79 7.09 -11.29
N LEU D 41 8.58 8.12 -10.49
CA LEU D 41 7.72 8.00 -9.31
C LEU D 41 6.28 7.70 -9.68
N CYS D 42 5.84 8.24 -10.83
CA CYS D 42 4.47 8.04 -11.28
C CYS D 42 4.23 6.64 -11.82
N MET D 43 5.26 6.03 -12.40
CA MET D 43 5.15 4.66 -12.90
C MET D 43 5.37 3.64 -11.79
N LEU D 44 5.71 4.12 -10.59
CA LEU D 44 6.01 3.24 -9.46
C LEU D 44 4.87 3.16 -8.46
N LEU D 45 3.77 3.85 -8.76
CA LEU D 45 2.61 3.85 -7.88
C LEU D 45 1.90 2.50 -7.87
N ASP D 46 1.82 1.89 -6.68
CA ASP D 46 1.26 0.55 -6.51
C ASP D 46 1.93 -0.47 -7.44
N ASN D 47 3.18 -0.20 -7.77
CA ASN D 47 3.89 -0.98 -8.78
C ASN D 47 5.33 -1.25 -8.36
N GLU D 48 5.98 -2.20 -9.02
CA GLU D 48 7.38 -2.48 -8.77
C GLU D 48 8.10 -2.80 -10.09
N LEU D 49 8.93 -1.88 -10.53
CA LEU D 49 9.64 -2.03 -11.81
C LEU D 49 11.13 -2.23 -11.59
N SER D 50 11.83 -2.61 -12.66
CA SER D 50 13.27 -2.77 -12.61
C SER D 50 13.94 -1.65 -13.40
N VAL D 51 15.27 -1.59 -13.34
CA VAL D 51 16.02 -0.58 -14.06
C VAL D 51 15.80 -0.73 -15.57
N GLY D 52 15.80 -1.97 -16.04
CA GLY D 52 15.56 -2.26 -17.44
C GLY D 52 14.15 -1.92 -17.88
N GLU D 53 13.18 -2.27 -17.03
CA GLU D 53 11.77 -1.97 -17.30
C GLU D 53 11.56 -0.47 -17.44
N LEU D 54 12.09 0.29 -16.49
CA LEU D 54 12.01 1.74 -16.52
C LEU D 54 12.71 2.29 -17.76
N SER D 55 13.88 1.75 -18.06
CA SER D 55 14.66 2.19 -19.22
C SER D 55 13.94 1.91 -20.53
N SER D 56 13.04 0.92 -20.52
CA SER D 56 12.28 0.56 -21.70
C SER D 56 11.04 1.42 -21.85
N ARG D 57 10.32 1.61 -20.74
CA ARG D 57 9.07 2.36 -20.74
C ARG D 57 9.26 3.85 -21.07
N LEU D 58 10.38 4.43 -20.65
CA LEU D 58 10.68 5.83 -20.98
C LEU D 58 11.91 5.93 -21.88
N GLU D 59 12.03 7.06 -22.58
CA GLU D 59 13.06 7.23 -23.60
C GLU D 59 14.42 7.67 -23.03
N LEU D 60 15.05 6.81 -22.25
CA LEU D 60 16.39 7.08 -21.73
C LEU D 60 17.22 5.82 -21.61
N SER D 61 18.53 5.99 -21.43
CA SER D 61 19.45 4.87 -21.27
C SER D 61 19.37 4.30 -19.86
N GLN D 62 20.23 3.33 -19.57
CA GLN D 62 20.23 2.67 -18.26
C GLN D 62 20.80 3.57 -17.16
N SER D 63 21.95 4.16 -17.44
CA SER D 63 22.72 4.92 -16.44
C SER D 63 22.22 6.35 -16.30
N ALA D 64 21.85 6.98 -17.41
CA ALA D 64 21.28 8.32 -17.40
C ALA D 64 20.01 8.31 -16.56
N LEU D 65 19.38 7.15 -16.51
CA LEU D 65 18.22 6.93 -15.65
C LEU D 65 18.68 6.56 -14.24
N SER D 66 19.79 5.84 -14.15
CA SER D 66 20.34 5.42 -12.86
C SER D 66 20.76 6.62 -12.00
N GLN D 67 21.06 7.73 -12.65
CA GLN D 67 21.38 8.96 -11.93
C GLN D 67 20.12 9.50 -11.25
N HIS D 68 19.03 9.54 -12.00
CA HIS D 68 17.74 9.96 -11.47
C HIS D 68 17.31 9.04 -10.33
N LEU D 69 17.57 7.74 -10.50
CA LEU D 69 17.24 6.76 -9.47
C LEU D 69 18.09 6.99 -8.23
N ALA D 70 19.35 7.37 -8.45
CA ALA D 70 20.27 7.68 -7.36
C ALA D 70 19.76 8.88 -6.56
N TRP D 71 19.26 9.88 -7.28
CA TRP D 71 18.64 11.03 -6.64
C TRP D 71 17.40 10.62 -5.86
N LEU D 72 16.61 9.73 -6.44
CA LEU D 72 15.36 9.27 -5.83
C LEU D 72 15.59 8.49 -4.54
N ARG D 73 16.66 7.69 -4.51
CA ARG D 73 16.98 6.93 -3.31
C ARG D 73 17.72 7.79 -2.28
N ARG D 74 18.42 8.82 -2.77
CA ARG D 74 19.10 9.75 -1.88
C ARG D 74 18.09 10.56 -1.08
N ASP D 75 17.00 10.96 -1.73
CA ASP D 75 15.95 11.73 -1.07
C ASP D 75 14.98 10.83 -0.34
N GLY D 76 15.19 9.52 -0.45
CA GLY D 76 14.36 8.55 0.24
C GLY D 76 12.95 8.48 -0.29
N LEU D 77 12.82 8.62 -1.61
CA LEU D 77 11.50 8.56 -2.26
C LEU D 77 11.19 7.15 -2.74
N VAL D 78 12.23 6.33 -2.87
CA VAL D 78 12.07 4.96 -3.38
C VAL D 78 12.82 3.92 -2.55
N ASN D 79 12.23 2.73 -2.44
CA ASN D 79 12.89 1.58 -1.85
C ASN D 79 13.41 0.66 -2.94
N THR D 80 14.58 0.06 -2.70
CA THR D 80 15.20 -0.82 -3.69
C THR D 80 15.48 -2.20 -3.12
N ARG D 81 15.02 -3.22 -3.82
CA ARG D 81 15.36 -4.60 -3.47
C ARG D 81 16.13 -5.22 -4.62
N LYS D 82 17.02 -6.16 -4.32
CA LYS D 82 17.85 -6.76 -5.36
C LYS D 82 17.72 -8.27 -5.45
N GLU D 83 17.52 -8.77 -6.67
CA GLU D 83 17.30 -10.20 -6.92
C GLU D 83 17.25 -10.49 -8.41
N ALA D 84 18.33 -11.06 -8.96
CA ALA D 84 19.57 -11.30 -8.23
C ALA D 84 20.68 -10.42 -8.81
N GLN D 85 20.64 -10.22 -10.13
CA GLN D 85 21.48 -9.23 -10.78
C GLN D 85 20.67 -7.98 -11.03
N THR D 86 19.36 -8.14 -10.97
CA THR D 86 18.42 -7.07 -11.29
C THR D 86 18.08 -6.23 -10.05
N VAL D 87 17.91 -4.92 -10.26
CA VAL D 87 17.53 -4.03 -9.18
C VAL D 87 16.10 -3.55 -9.36
N PHE D 88 15.26 -3.80 -8.36
CA PHE D 88 13.86 -3.42 -8.39
C PHE D 88 13.56 -2.21 -7.51
N TYR D 89 12.86 -1.24 -8.07
CA TYR D 89 12.50 -0.01 -7.36
C TYR D 89 11.01 0.01 -7.03
N THR D 90 10.64 0.70 -5.96
CA THR D 90 9.25 0.86 -5.58
C THR D 90 9.10 2.15 -4.77
N LEU D 91 7.87 2.56 -4.49
CA LEU D 91 7.65 3.77 -3.70
C LEU D 91 7.92 3.52 -2.22
N SER D 92 8.46 4.54 -1.55
CA SER D 92 8.90 4.41 -0.16
C SER D 92 7.83 4.80 0.85
N SER D 93 7.83 6.08 1.24
CA SER D 93 6.96 6.55 2.30
C SER D 93 5.50 6.71 1.87
N THR D 94 4.64 6.97 2.84
CA THR D 94 3.22 7.17 2.59
C THR D 94 2.98 8.47 1.85
N GLU D 95 3.74 9.49 2.23
CA GLU D 95 3.62 10.82 1.63
C GLU D 95 3.86 10.77 0.12
N VAL D 96 4.89 10.03 -0.28
CA VAL D 96 5.22 9.87 -1.69
C VAL D 96 4.11 9.16 -2.44
N LYS D 97 3.57 8.11 -1.83
CA LYS D 97 2.48 7.35 -2.43
C LYS D 97 1.27 8.24 -2.68
N ALA D 98 0.81 8.92 -1.63
CA ALA D 98 -0.36 9.78 -1.73
C ALA D 98 -0.14 10.92 -2.72
N MET D 99 1.06 11.51 -2.67
CA MET D 99 1.41 12.62 -3.56
C MET D 99 1.37 12.17 -5.02
N ILE D 100 1.93 11.00 -5.28
CA ILE D 100 1.96 10.46 -6.63
C ILE D 100 0.56 10.09 -7.11
N GLU D 101 -0.27 9.60 -6.21
CA GLU D 101 -1.66 9.30 -6.54
C GLU D 101 -2.39 10.57 -6.97
N LEU D 102 -2.29 11.60 -6.13
CA LEU D 102 -2.91 12.89 -6.41
C LEU D 102 -2.42 13.48 -7.73
N LEU D 103 -1.10 13.40 -7.95
CA LEU D 103 -0.51 13.92 -9.17
C LEU D 103 -0.98 13.14 -10.40
N HIS D 104 -1.19 11.84 -10.22
CA HIS D 104 -1.64 10.99 -11.31
C HIS D 104 -3.08 11.31 -11.69
N ARG D 105 -3.93 11.55 -10.70
CA ARG D 105 -5.32 11.89 -11.01
C ARG D 105 -5.47 13.36 -11.41
N LEU D 106 -4.42 14.15 -11.15
CA LEU D 106 -4.45 15.56 -11.48
C LEU D 106 -3.92 15.83 -12.88
N TYR D 107 -2.96 15.02 -13.32
CA TYR D 107 -2.27 15.29 -14.57
C TYR D 107 -2.30 14.12 -15.58
N CYS D 108 -2.30 12.89 -15.06
CA CYS D 108 -2.23 11.71 -15.92
C CYS D 108 -3.60 11.16 -16.32
N GLN D 109 -4.66 11.92 -16.05
CA GLN D 109 -6.00 11.47 -16.40
C GLN D 109 -6.29 11.68 -17.88
#